data_6R3E
#
_entry.id   6R3E
#
_cell.length_a   74.257
_cell.length_b   74.257
_cell.length_c   158.187
_cell.angle_alpha   90.00
_cell.angle_beta   90.00
_cell.angle_gamma   120.00
#
_symmetry.space_group_name_H-M   'P 32 2 1'
#
loop_
_entity.id
_entity.type
_entity.pdbx_description
1 polymer 'DNA (cytosine-5)-methyltransferase 3B,DNA (cytosine-5)-methyltransferase 3B'
2 non-polymer Triisopropanolamine
3 non-polymer 'SULFATE ION'
4 water water
#
_entity_poly.entity_id   1
_entity_poly.type   'polypeptide(L)'
_entity_poly.pdbx_seq_one_letter_code
;SEYQDGKEFGIGDLVWGKIKGFSWWPAMVVSWKATSKRQAMSGMRWVQWFGDGKFSEVSADKLVALGLFSQHFNLATFNK
LVSYRKAMYHALEKARVRAGKTFPSSPGDSLEDQLKPMLEWAHGGFKPTGIEGLKPNSEYQDGKEFGIGDLVWGKIKGFS
WWPAMVVSWKATSKRQAMSGMRWVQWFGDGKFSEVSADKLVALGLFSQHFNLATFNKLVSYRKAMYHALEKARVRAGKTF
PSSPGDSLEDQLKPMLEWAHGGFKPTGIEGLKPN
;
_entity_poly.pdbx_strand_id   A,B
#
# COMPACT_ATOMS: atom_id res chain seq x y z
N SER A 1 -5.70 15.92 2.70
CA SER A 1 -5.39 15.22 3.95
C SER A 1 -4.79 13.84 3.66
N GLU A 2 -5.51 12.81 4.06
CA GLU A 2 -5.07 11.43 3.89
C GLU A 2 -5.43 10.95 2.48
N TYR A 3 -4.51 10.20 1.88
CA TYR A 3 -4.69 9.59 0.55
C TYR A 3 -4.86 10.66 -0.53
N GLN A 4 -4.11 11.75 -0.41
CA GLN A 4 -4.15 12.82 -1.42
C GLN A 4 -2.88 12.77 -2.25
N ASP A 5 -2.84 11.76 -3.13
CA ASP A 5 -1.67 11.49 -3.97
C ASP A 5 -2.07 11.28 -5.43
N GLY A 6 -3.26 11.70 -5.82
CA GLY A 6 -3.78 11.48 -7.16
C GLY A 6 -4.45 10.12 -7.33
N LYS A 7 -3.87 9.08 -6.72
CA LYS A 7 -4.26 7.70 -6.95
C LYS A 7 -5.70 7.43 -6.48
N GLU A 8 -6.27 6.35 -7.02
CA GLU A 8 -7.68 5.97 -6.85
C GLU A 8 -8.01 5.64 -5.39
N PHE A 9 -9.31 5.49 -5.12
CA PHE A 9 -9.84 4.88 -3.89
C PHE A 9 -9.70 5.78 -2.66
N GLY A 10 -10.79 5.92 -1.91
CA GLY A 10 -10.78 6.66 -0.67
C GLY A 10 -11.47 5.90 0.44
N ILE A 11 -11.51 6.55 1.62
CA ILE A 11 -11.96 5.89 2.83
C ILE A 11 -13.39 5.42 2.66
N GLY A 12 -13.67 4.18 3.08
CA GLY A 12 -14.98 3.59 2.94
C GLY A 12 -15.17 2.74 1.69
N ASP A 13 -14.29 2.88 0.69
CA ASP A 13 -14.48 2.21 -0.59
C ASP A 13 -14.33 0.70 -0.46
N LEU A 14 -15.26 -0.04 -1.05
CA LEU A 14 -15.17 -1.51 -1.06
C LEU A 14 -14.28 -1.95 -2.22
N VAL A 15 -13.29 -2.79 -1.93
CA VAL A 15 -12.26 -3.09 -2.91
C VAL A 15 -11.93 -4.57 -2.95
N TRP A 16 -11.39 -4.98 -4.08
CA TRP A 16 -10.58 -6.20 -4.17
C TRP A 16 -9.11 -5.84 -3.94
N GLY A 17 -8.45 -6.56 -3.06
CA GLY A 17 -7.03 -6.36 -2.80
C GLY A 17 -6.25 -7.65 -3.07
N LYS A 18 -5.06 -7.50 -3.68
CA LYS A 18 -4.21 -8.61 -4.09
C LYS A 18 -2.99 -8.71 -3.19
N ILE A 19 -2.88 -9.81 -2.44
CA ILE A 19 -1.71 -10.11 -1.64
C ILE A 19 -0.92 -11.26 -2.30
N LYS A 20 0.40 -11.26 -2.08
CA LYS A 20 1.32 -12.18 -2.74
C LYS A 20 0.93 -13.64 -2.52
N GLY A 21 0.66 -14.35 -3.60
CA GLY A 21 0.32 -15.75 -3.49
C GLY A 21 -1.03 -16.04 -2.90
N PHE A 22 -1.92 -15.05 -2.90
CA PHE A 22 -3.29 -15.21 -2.44
C PHE A 22 -4.24 -14.73 -3.52
N SER A 23 -5.43 -15.32 -3.57
CA SER A 23 -6.45 -14.78 -4.46
C SER A 23 -6.74 -13.31 -4.12
N TRP A 24 -7.38 -12.63 -5.07
CA TRP A 24 -7.96 -11.35 -4.75
C TRP A 24 -8.94 -11.53 -3.60
N TRP A 25 -8.83 -10.66 -2.61
CA TRP A 25 -9.64 -10.73 -1.41
C TRP A 25 -10.43 -9.43 -1.22
N PRO A 26 -11.65 -9.51 -0.71
CA PRO A 26 -12.47 -8.30 -0.53
C PRO A 26 -12.04 -7.50 0.69
N ALA A 27 -12.09 -6.18 0.55
CA ALA A 27 -11.57 -5.34 1.61
C ALA A 27 -12.32 -4.03 1.64
N MET A 28 -12.12 -3.27 2.72
CA MET A 28 -12.60 -1.89 2.78
C MET A 28 -11.40 -0.98 3.05
N VAL A 29 -11.34 0.12 2.30
CA VAL A 29 -10.33 1.14 2.57
C VAL A 29 -10.66 1.81 3.90
N VAL A 30 -9.66 1.92 4.79
CA VAL A 30 -9.84 2.59 6.06
C VAL A 30 -8.76 3.65 6.19
N SER A 31 -8.97 4.57 7.12
CA SER A 31 -7.99 5.57 7.43
C SER A 31 -6.95 4.96 8.38
N TRP A 32 -5.73 5.52 8.36
CA TRP A 32 -4.68 4.93 9.18
C TRP A 32 -5.01 5.00 10.66
N LYS A 33 -5.87 5.94 11.06
CA LYS A 33 -6.23 6.06 12.47
C LYS A 33 -7.06 4.88 12.97
N ALA A 34 -7.64 4.10 12.06
CA ALA A 34 -8.37 2.91 12.50
C ALA A 34 -7.45 1.72 12.72
N THR A 35 -6.19 1.78 12.27
CA THR A 35 -5.33 0.60 12.24
C THR A 35 -4.43 0.45 13.46
N SER A 36 -4.33 1.48 14.31
CA SER A 36 -3.37 1.49 15.42
C SER A 36 -1.93 1.29 14.93
N LYS A 37 -1.60 1.77 13.73
CA LYS A 37 -0.25 1.57 13.21
C LYS A 37 0.37 2.92 12.83
N ARG A 38 0.22 3.34 11.57
CA ARG A 38 0.98 4.46 11.04
C ARG A 38 0.37 4.88 9.71
N GLN A 39 0.62 6.13 9.32
CA GLN A 39 0.13 6.62 8.05
C GLN A 39 0.66 5.76 6.92
N ALA A 40 -0.18 5.53 5.91
CA ALA A 40 0.25 4.79 4.74
C ALA A 40 1.28 5.61 3.97
N MET A 41 2.27 4.91 3.41
CA MET A 41 3.20 5.57 2.51
C MET A 41 2.43 6.09 1.31
N SER A 42 2.86 7.23 0.78
CA SER A 42 2.17 7.84 -0.35
C SER A 42 2.08 6.84 -1.49
N GLY A 43 0.89 6.72 -2.07
CA GLY A 43 0.60 5.71 -3.05
C GLY A 43 -0.03 4.44 -2.49
N MET A 44 0.02 4.23 -1.18
CA MET A 44 -0.61 3.09 -0.54
C MET A 44 -1.97 3.47 0.08
N ARG A 45 -2.72 2.43 0.44
CA ARG A 45 -3.97 2.58 1.17
C ARG A 45 -4.01 1.53 2.27
N TRP A 46 -4.43 1.93 3.47
CA TRP A 46 -4.78 0.94 4.46
C TRP A 46 -6.10 0.28 4.08
N VAL A 47 -6.17 -1.03 4.19
CA VAL A 47 -7.43 -1.73 3.97
C VAL A 47 -7.67 -2.68 5.13
N GLN A 48 -8.93 -2.96 5.39
CA GLN A 48 -9.31 -4.00 6.32
C GLN A 48 -10.01 -5.10 5.54
N TRP A 49 -9.54 -6.33 5.72
CA TRP A 49 -10.05 -7.48 4.97
C TRP A 49 -11.34 -7.99 5.59
N PHE A 50 -12.34 -8.23 4.74
CA PHE A 50 -13.58 -8.84 5.20
C PHE A 50 -13.30 -10.26 5.64
N GLY A 51 -13.98 -10.69 6.70
CA GLY A 51 -13.83 -12.06 7.15
C GLY A 51 -12.87 -12.24 8.31
N ASP A 52 -11.74 -11.50 8.32
CA ASP A 52 -10.83 -11.53 9.43
C ASP A 52 -10.52 -10.17 10.04
N GLY A 53 -11.01 -9.07 9.47
CA GLY A 53 -10.89 -7.78 10.13
C GLY A 53 -9.47 -7.30 10.37
N LYS A 54 -8.49 -7.93 9.72
CA LYS A 54 -7.10 -7.52 9.79
C LYS A 54 -6.81 -6.36 8.84
N PHE A 55 -5.76 -5.60 9.15
CA PHE A 55 -5.38 -4.43 8.36
C PHE A 55 -4.12 -4.71 7.56
N SER A 56 -4.04 -4.19 6.32
CA SER A 56 -2.86 -4.34 5.49
C SER A 56 -2.59 -3.03 4.75
N GLU A 57 -1.32 -2.73 4.50
CA GLU A 57 -0.94 -1.60 3.67
C GLU A 57 -0.72 -2.11 2.25
N VAL A 58 -1.53 -1.64 1.33
CA VAL A 58 -1.59 -2.19 -0.02
C VAL A 58 -1.41 -1.05 -1.00
N SER A 59 -0.59 -1.29 -2.03
CA SER A 59 -0.49 -0.31 -3.10
C SER A 59 -1.85 -0.07 -3.72
N ALA A 60 -2.16 1.20 -3.99
CA ALA A 60 -3.39 1.53 -4.70
C ALA A 60 -3.44 0.92 -6.10
N ASP A 61 -2.33 0.42 -6.61
CA ASP A 61 -2.30 -0.29 -7.89
C ASP A 61 -2.56 -1.78 -7.74
N LYS A 62 -2.53 -2.31 -6.51
CA LYS A 62 -2.96 -3.66 -6.23
C LYS A 62 -4.38 -3.72 -5.67
N LEU A 63 -5.21 -2.69 -5.93
CA LEU A 63 -6.62 -2.66 -5.55
C LEU A 63 -7.47 -2.39 -6.78
N VAL A 64 -8.66 -2.98 -6.82
CA VAL A 64 -9.70 -2.66 -7.80
C VAL A 64 -11.04 -2.59 -7.06
N ALA A 65 -11.99 -1.86 -7.66
CA ALA A 65 -13.29 -1.68 -7.04
C ALA A 65 -14.03 -2.99 -6.94
N LEU A 66 -14.60 -3.28 -5.76
CA LEU A 66 -15.30 -4.54 -5.59
C LEU A 66 -16.45 -4.68 -6.60
N GLY A 67 -16.97 -3.55 -7.11
CA GLY A 67 -18.02 -3.62 -8.11
C GLY A 67 -17.63 -4.35 -9.38
N LEU A 68 -16.35 -4.34 -9.73
CA LEU A 68 -15.83 -5.19 -10.80
C LEU A 68 -15.80 -6.63 -10.31
N PHE A 69 -16.97 -7.21 -10.09
CA PHE A 69 -17.04 -8.41 -9.27
C PHE A 69 -16.68 -9.66 -10.04
N SER A 70 -17.34 -9.91 -11.17
CA SER A 70 -17.05 -11.15 -11.89
C SER A 70 -15.62 -11.19 -12.41
N GLN A 71 -14.97 -10.03 -12.56
CA GLN A 71 -13.60 -10.01 -13.06
C GLN A 71 -12.59 -10.54 -12.03
N HIS A 72 -12.85 -10.38 -10.74
CA HIS A 72 -11.87 -10.80 -9.73
C HIS A 72 -12.42 -11.85 -8.79
N PHE A 73 -13.69 -12.20 -8.88
CA PHE A 73 -14.18 -13.32 -8.10
C PHE A 73 -13.47 -14.58 -8.58
N ASN A 74 -12.93 -15.35 -7.63
CA ASN A 74 -12.14 -16.53 -7.95
C ASN A 74 -13.00 -17.74 -7.58
N LEU A 75 -13.56 -18.39 -8.60
CA LEU A 75 -14.53 -19.44 -8.31
C LEU A 75 -13.86 -20.62 -7.62
N ALA A 76 -12.64 -20.97 -8.04
CA ALA A 76 -11.91 -22.07 -7.42
C ALA A 76 -11.65 -21.79 -5.96
N THR A 77 -11.13 -20.60 -5.64
CA THR A 77 -10.90 -20.25 -4.24
C THR A 77 -12.20 -20.31 -3.46
N PHE A 78 -13.30 -19.86 -4.07
CA PHE A 78 -14.59 -19.93 -3.41
C PHE A 78 -14.99 -21.38 -3.12
N ASN A 79 -14.52 -22.32 -3.92
CA ASN A 79 -14.91 -23.71 -3.68
C ASN A 79 -14.02 -24.38 -2.64
N LYS A 80 -12.73 -24.06 -2.62
CA LYS A 80 -11.77 -24.71 -1.76
C LYS A 80 -11.81 -24.15 -0.32
N LEU A 81 -11.75 -22.83 -0.16
CA LEU A 81 -11.50 -22.20 1.13
C LEU A 81 -12.79 -21.67 1.75
N VAL A 82 -13.15 -22.21 2.92
CA VAL A 82 -14.36 -21.72 3.61
C VAL A 82 -14.18 -20.27 4.05
N SER A 83 -12.94 -19.83 4.33
CA SER A 83 -12.76 -18.43 4.72
C SER A 83 -13.14 -17.48 3.58
N TYR A 84 -12.79 -17.84 2.34
CA TYR A 84 -13.17 -17.00 1.21
C TYR A 84 -14.69 -16.90 1.10
N ARG A 85 -15.41 -17.99 1.36
CA ARG A 85 -16.87 -17.92 1.34
C ARG A 85 -17.36 -17.01 2.45
N LYS A 86 -16.74 -17.09 3.63
CA LYS A 86 -17.08 -16.20 4.74
C LYS A 86 -16.83 -14.74 4.36
N ALA A 87 -15.65 -14.47 3.80
CA ALA A 87 -15.30 -13.11 3.39
C ALA A 87 -16.29 -12.57 2.38
N MET A 88 -16.75 -13.41 1.44
CA MET A 88 -17.75 -12.96 0.47
C MET A 88 -19.07 -12.60 1.15
N TYR A 89 -19.43 -13.30 2.21
CA TYR A 89 -20.69 -12.95 2.89
C TYR A 89 -20.62 -11.54 3.46
N HIS A 90 -19.62 -11.29 4.31
CA HIS A 90 -19.51 -10.00 4.97
C HIS A 90 -19.31 -8.86 3.97
N ALA A 91 -18.51 -9.10 2.93
CA ALA A 91 -18.30 -8.05 1.92
C ALA A 91 -19.60 -7.74 1.19
N LEU A 92 -20.32 -8.78 0.76
CA LEU A 92 -21.51 -8.53 -0.05
C LEU A 92 -22.67 -8.04 0.80
N GLU A 93 -22.78 -8.55 2.03
CA GLU A 93 -23.72 -7.97 2.99
C GLU A 93 -23.52 -6.47 3.10
N LYS A 94 -22.28 -6.02 3.27
CA LYS A 94 -22.08 -4.58 3.32
C LYS A 94 -22.48 -3.91 2.01
N ALA A 95 -22.27 -4.59 0.87
CA ALA A 95 -22.70 -4.00 -0.39
C ALA A 95 -24.22 -3.89 -0.45
N ARG A 96 -24.92 -4.90 0.04
CA ARG A 96 -26.37 -4.92 0.07
C ARG A 96 -26.95 -3.71 0.82
N VAL A 97 -26.47 -3.49 2.05
CA VAL A 97 -26.98 -2.40 2.87
C VAL A 97 -26.75 -1.06 2.18
N ARG A 98 -25.56 -0.83 1.66
CA ARG A 98 -25.32 0.43 0.97
C ARG A 98 -26.22 0.55 -0.25
N ALA A 99 -26.46 -0.57 -0.94
CA ALA A 99 -27.12 -0.49 -2.23
C ALA A 99 -28.57 -0.06 -2.06
N GLY A 100 -29.16 -0.35 -0.92
CA GLY A 100 -30.59 -0.28 -0.80
C GLY A 100 -31.24 -1.53 -1.32
N LYS A 101 -30.54 -2.66 -1.28
CA LYS A 101 -31.00 -3.95 -1.80
C LYS A 101 -31.45 -4.86 -0.66
N THR A 102 -32.43 -5.72 -0.95
CA THR A 102 -32.89 -6.73 0.00
C THR A 102 -33.10 -8.05 -0.72
N PHE A 103 -32.88 -9.16 0.00
CA PHE A 103 -33.02 -10.50 -0.54
C PHE A 103 -33.95 -11.33 0.35
N PRO A 104 -34.84 -12.13 -0.25
CA PRO A 104 -35.68 -13.04 0.54
C PRO A 104 -34.84 -14.00 1.39
N SER A 105 -35.44 -14.46 2.48
CA SER A 105 -34.73 -15.32 3.43
C SER A 105 -34.73 -16.79 2.99
N SER A 110 -29.18 -21.02 6.18
CA SER A 110 -27.81 -21.53 6.07
C SER A 110 -26.84 -20.48 5.46
N LEU A 111 -25.56 -20.84 5.35
CA LEU A 111 -24.59 -19.90 4.79
C LEU A 111 -24.58 -19.96 3.27
N GLU A 112 -24.31 -21.14 2.72
CA GLU A 112 -24.43 -21.37 1.28
C GLU A 112 -25.72 -20.80 0.75
N ASP A 113 -26.84 -21.15 1.40
CA ASP A 113 -28.13 -20.74 0.89
C ASP A 113 -28.41 -19.26 1.12
N GLN A 114 -27.68 -18.63 2.05
CA GLN A 114 -27.76 -17.18 2.14
C GLN A 114 -26.86 -16.51 1.11
N LEU A 115 -25.69 -17.12 0.84
CA LEU A 115 -24.77 -16.58 -0.17
C LEU A 115 -25.41 -16.55 -1.56
N LYS A 116 -26.10 -17.64 -1.94
CA LYS A 116 -26.67 -17.83 -3.27
C LYS A 116 -27.19 -16.51 -3.85
N PRO A 117 -28.26 -15.89 -3.34
CA PRO A 117 -28.77 -14.68 -4.01
C PRO A 117 -27.81 -13.50 -3.93
N MET A 118 -26.94 -13.48 -2.93
CA MET A 118 -25.95 -12.41 -2.84
C MET A 118 -24.91 -12.57 -3.92
N LEU A 119 -24.40 -13.78 -4.11
CA LEU A 119 -23.46 -14.07 -5.18
C LEU A 119 -24.05 -13.75 -6.55
N GLU A 120 -25.31 -14.17 -6.79
CA GLU A 120 -25.92 -13.94 -8.10
C GLU A 120 -26.08 -12.45 -8.36
N TRP A 121 -26.55 -11.70 -7.35
CA TRP A 121 -26.71 -10.26 -7.50
C TRP A 121 -25.36 -9.59 -7.76
N ALA A 122 -24.31 -10.04 -7.06
CA ALA A 122 -22.99 -9.45 -7.29
C ALA A 122 -22.43 -9.84 -8.66
N HIS A 123 -22.52 -11.14 -9.01
CA HIS A 123 -22.00 -11.57 -10.30
C HIS A 123 -22.77 -10.93 -11.44
N GLY A 124 -24.08 -10.73 -11.26
CA GLY A 124 -24.91 -10.14 -12.29
C GLY A 124 -24.71 -8.67 -12.49
N GLY A 125 -23.95 -8.02 -11.62
CA GLY A 125 -23.63 -6.63 -11.77
C GLY A 125 -24.30 -5.66 -10.80
N PHE A 126 -24.79 -6.13 -9.66
CA PHE A 126 -25.34 -5.26 -8.62
C PHE A 126 -26.57 -4.50 -9.12
N LYS A 127 -27.55 -5.26 -9.66
CA LYS A 127 -28.79 -4.73 -10.19
C LYS A 127 -29.84 -4.66 -9.09
N PRO A 128 -30.63 -3.58 -9.04
CA PRO A 128 -30.72 -2.53 -10.06
C PRO A 128 -29.78 -1.33 -9.96
N THR A 129 -29.13 -1.12 -8.81
CA THR A 129 -28.37 0.12 -8.65
C THR A 129 -27.11 0.15 -9.50
N GLY A 130 -26.59 -1.01 -9.92
CA GLY A 130 -25.27 -1.02 -10.52
C GLY A 130 -24.22 -0.76 -9.45
N ILE A 131 -23.00 -0.46 -9.93
CA ILE A 131 -21.91 -0.31 -8.98
C ILE A 131 -22.01 1.00 -8.20
N GLU A 132 -22.77 1.97 -8.71
CA GLU A 132 -22.91 3.25 -8.01
C GLU A 132 -23.50 3.08 -6.62
N GLY A 133 -24.28 2.02 -6.40
CA GLY A 133 -24.88 1.81 -5.10
C GLY A 133 -24.00 1.18 -4.05
N LEU A 134 -22.72 0.97 -4.34
CA LEU A 134 -21.80 0.40 -3.38
C LEU A 134 -20.94 1.47 -2.73
N LYS A 135 -21.06 2.72 -3.20
CA LYS A 135 -20.32 3.84 -2.64
C LYS A 135 -20.66 4.02 -1.16
N PRO A 136 -19.75 4.59 -0.37
CA PRO A 136 -20.05 4.90 1.03
C PRO A 136 -20.89 6.17 1.17
N ASN A 137 -21.47 6.33 2.37
CA ASN A 137 -22.45 7.39 2.74
C ASN A 137 -23.83 7.14 2.14
N SER B 1 6.75 23.60 -11.83
CA SER B 1 6.03 23.27 -10.60
C SER B 1 6.95 22.86 -9.43
N GLU B 2 6.52 21.88 -8.65
CA GLU B 2 7.14 21.61 -7.36
C GLU B 2 8.54 21.02 -7.55
N TYR B 3 9.48 21.50 -6.74
CA TYR B 3 10.87 21.02 -6.74
C TYR B 3 11.55 21.25 -8.10
N GLN B 4 11.11 22.26 -8.85
CA GLN B 4 11.76 22.64 -10.13
C GLN B 4 12.82 23.70 -9.85
N ASP B 5 13.91 23.25 -9.22
CA ASP B 5 14.93 24.17 -8.72
C ASP B 5 16.33 23.78 -9.16
N GLY B 6 16.45 22.85 -10.11
CA GLY B 6 17.75 22.44 -10.59
C GLY B 6 18.51 21.47 -9.70
N LYS B 7 18.17 21.43 -8.40
CA LYS B 7 18.80 20.48 -7.48
C LYS B 7 18.26 19.06 -7.72
N GLU B 8 18.79 18.11 -6.95
CA GLU B 8 18.49 16.70 -7.15
C GLU B 8 17.15 16.29 -6.50
N PHE B 9 16.60 15.18 -7.01
CA PHE B 9 15.53 14.40 -6.40
C PHE B 9 14.12 14.95 -6.62
N GLY B 10 13.25 14.14 -7.22
CA GLY B 10 11.85 14.50 -7.40
C GLY B 10 10.85 13.56 -6.73
N ILE B 11 9.56 13.79 -6.99
CA ILE B 11 8.50 13.06 -6.32
C ILE B 11 8.58 11.58 -6.66
N GLY B 12 8.55 10.74 -5.62
CA GLY B 12 8.63 9.29 -5.79
C GLY B 12 10.01 8.71 -5.65
N ASP B 13 11.05 9.54 -5.52
CA ASP B 13 12.40 9.01 -5.44
C ASP B 13 12.66 8.39 -4.08
N LEU B 14 13.33 7.23 -4.09
CA LEU B 14 13.73 6.55 -2.87
C LEU B 14 15.09 7.08 -2.45
N VAL B 15 15.20 7.49 -1.18
CA VAL B 15 16.37 8.23 -0.73
C VAL B 15 16.76 7.78 0.66
N TRP B 16 18.05 7.96 0.96
CA TRP B 16 18.51 8.04 2.33
C TRP B 16 18.42 9.50 2.79
N GLY B 17 17.98 9.69 4.04
CA GLY B 17 17.99 11.00 4.63
C GLY B 17 18.46 10.91 6.07
N LYS B 18 19.05 12.01 6.55
CA LYS B 18 19.60 12.07 7.89
C LYS B 18 19.02 13.28 8.60
N ILE B 19 18.54 13.09 9.81
CA ILE B 19 18.17 14.18 10.71
C ILE B 19 19.14 14.16 11.88
N LYS B 20 19.74 15.33 12.17
CA LYS B 20 20.80 15.46 13.17
C LYS B 20 20.43 14.71 14.45
N GLY B 21 21.12 13.61 14.70
CA GLY B 21 20.73 12.70 15.76
C GLY B 21 21.02 11.26 15.38
N PHE B 22 20.43 10.78 14.29
CA PHE B 22 20.57 9.39 13.92
C PHE B 22 21.07 9.27 12.47
N SER B 23 21.18 8.03 12.03
CA SER B 23 21.95 7.68 10.84
C SER B 23 21.00 7.33 9.70
N TRP B 24 21.01 8.13 8.64
CA TRP B 24 20.45 7.78 7.34
C TRP B 24 19.30 6.76 7.38
N TRP B 25 18.04 7.22 7.50
CA TRP B 25 16.97 6.23 7.37
C TRP B 25 16.38 6.30 5.96
N PRO B 26 15.82 5.22 5.43
CA PRO B 26 15.31 5.26 4.05
C PRO B 26 13.97 5.98 3.98
N ALA B 27 13.70 6.60 2.84
CA ALA B 27 12.50 7.43 2.73
C ALA B 27 12.10 7.56 1.27
N MET B 28 10.93 8.17 1.06
CA MET B 28 10.44 8.51 -0.27
C MET B 28 10.15 10.00 -0.32
N VAL B 29 10.55 10.65 -1.42
CA VAL B 29 10.22 12.06 -1.64
C VAL B 29 8.76 12.14 -2.06
N VAL B 30 8.00 12.97 -1.34
CA VAL B 30 6.58 13.12 -1.59
C VAL B 30 6.31 14.57 -1.92
N SER B 31 5.09 14.82 -2.41
CA SER B 31 4.67 16.19 -2.65
C SER B 31 4.23 16.82 -1.35
N TRP B 32 4.37 18.15 -1.26
CA TRP B 32 3.92 18.78 -0.03
C TRP B 32 2.43 18.54 0.18
N LYS B 33 1.66 18.36 -0.90
CA LYS B 33 0.23 18.12 -0.76
C LYS B 33 -0.08 16.82 -0.04
N ALA B 34 0.85 15.86 -0.03
CA ALA B 34 0.61 14.61 0.67
C ALA B 34 0.85 14.71 2.18
N THR B 35 1.39 15.83 2.68
CA THR B 35 1.92 15.88 4.04
C THR B 35 0.95 16.45 5.06
N SER B 36 -0.11 17.12 4.60
CA SER B 36 -1.03 17.82 5.49
C SER B 36 -0.28 18.88 6.30
N LYS B 37 0.64 19.59 5.63
CA LYS B 37 1.47 20.58 6.30
C LYS B 37 1.55 21.87 5.49
N ARG B 38 2.62 22.04 4.70
CA ARG B 38 2.90 23.30 4.03
C ARG B 38 3.90 23.04 2.90
N GLN B 39 3.96 23.99 1.96
CA GLN B 39 4.94 23.88 0.90
C GLN B 39 6.35 23.86 1.49
N ALA B 40 7.25 23.16 0.81
CA ALA B 40 8.65 23.21 1.17
C ALA B 40 9.26 24.55 0.79
N MET B 41 10.27 24.97 1.57
CA MET B 41 11.06 26.16 1.25
C MET B 41 11.98 25.85 0.07
N SER B 42 12.67 26.89 -0.44
CA SER B 42 13.53 26.71 -1.60
C SER B 42 14.64 25.70 -1.31
N GLY B 43 14.94 24.90 -2.33
CA GLY B 43 15.94 23.88 -2.24
C GLY B 43 15.57 22.68 -1.38
N MET B 44 14.42 22.70 -0.70
CA MET B 44 14.09 21.61 0.21
C MET B 44 13.17 20.58 -0.47
N ARG B 45 12.89 19.51 0.27
CA ARG B 45 12.12 18.37 -0.20
C ARG B 45 11.38 17.80 0.99
N TRP B 46 10.12 17.46 0.80
CA TRP B 46 9.42 16.64 1.79
C TRP B 46 9.76 15.19 1.55
N VAL B 47 9.99 14.46 2.62
CA VAL B 47 10.23 13.03 2.49
C VAL B 47 9.27 12.35 3.45
N GLN B 48 8.96 11.10 3.17
CA GLN B 48 8.18 10.27 4.08
C GLN B 48 9.02 9.07 4.47
N TRP B 49 9.26 8.93 5.77
CA TRP B 49 10.14 7.90 6.30
C TRP B 49 9.43 6.55 6.25
N PHE B 50 9.99 5.60 5.51
CA PHE B 50 9.53 4.21 5.63
C PHE B 50 9.61 3.75 7.08
N GLY B 51 8.61 2.98 7.50
CA GLY B 51 8.66 2.42 8.83
C GLY B 51 7.74 3.09 9.82
N ASP B 52 7.83 4.41 9.99
CA ASP B 52 6.85 5.13 10.78
C ASP B 52 5.93 6.03 9.95
N GLY B 53 6.14 6.15 8.65
CA GLY B 53 5.27 6.93 7.78
C GLY B 53 5.17 8.43 8.01
N LYS B 54 6.04 9.00 8.84
CA LYS B 54 6.02 10.43 9.15
C LYS B 54 6.69 11.26 8.04
N PHE B 55 6.49 12.57 8.10
CA PHE B 55 7.00 13.49 7.09
C PHE B 55 7.99 14.49 7.69
N SER B 56 9.08 14.71 6.97
CA SER B 56 10.09 15.68 7.35
C SER B 56 10.48 16.54 6.15
N GLU B 57 10.87 17.77 6.41
CA GLU B 57 11.41 18.65 5.39
C GLU B 57 12.94 18.62 5.46
N VAL B 58 13.57 18.15 4.38
CA VAL B 58 15.00 17.92 4.30
C VAL B 58 15.52 18.62 3.05
N SER B 59 16.77 19.06 3.10
CA SER B 59 17.34 19.79 1.98
C SER B 59 17.73 18.83 0.86
N ALA B 60 17.44 19.22 -0.39
CA ALA B 60 17.78 18.38 -1.51
C ALA B 60 19.28 18.13 -1.62
N ASP B 61 20.09 18.91 -0.90
CA ASP B 61 21.54 18.72 -0.90
C ASP B 61 22.00 17.80 0.22
N LYS B 62 21.10 17.42 1.13
CA LYS B 62 21.38 16.51 2.25
C LYS B 62 20.75 15.14 2.05
N LEU B 63 20.63 14.68 0.80
CA LEU B 63 19.91 13.44 0.51
C LEU B 63 20.68 12.65 -0.51
N VAL B 64 20.69 11.33 -0.34
CA VAL B 64 21.40 10.41 -1.22
C VAL B 64 20.40 9.48 -1.85
N ALA B 65 20.58 9.18 -3.13
CA ALA B 65 19.76 8.14 -3.75
C ALA B 65 19.88 6.84 -2.97
N LEU B 66 18.75 6.15 -2.81
CA LEU B 66 18.81 4.87 -2.10
C LEU B 66 19.70 3.88 -2.82
N GLY B 67 19.78 3.99 -4.16
CA GLY B 67 20.65 3.15 -4.94
C GLY B 67 22.09 3.10 -4.47
N LEU B 68 22.52 4.05 -3.64
CA LEU B 68 23.80 4.02 -2.96
C LEU B 68 23.66 3.26 -1.65
N PHE B 69 23.35 1.96 -1.76
CA PHE B 69 22.82 1.26 -0.59
C PHE B 69 23.89 1.02 0.47
N SER B 70 24.96 0.30 0.09
CA SER B 70 25.91 -0.19 1.08
C SER B 70 26.68 0.95 1.73
N GLN B 71 26.91 2.02 0.96
CA GLN B 71 27.57 3.21 1.52
C GLN B 71 26.78 3.78 2.68
N HIS B 72 25.46 3.60 2.70
CA HIS B 72 24.66 4.25 3.73
C HIS B 72 23.89 3.32 4.64
N PHE B 73 23.81 2.03 4.32
CA PHE B 73 23.28 1.08 5.29
C PHE B 73 24.17 0.98 6.52
N ASN B 74 23.67 1.39 7.69
CA ASN B 74 24.43 1.40 8.95
C ASN B 74 24.01 0.19 9.77
N LEU B 75 24.85 -0.85 9.74
CA LEU B 75 24.46 -2.11 10.35
C LEU B 75 24.50 -2.08 11.88
N ALA B 76 25.35 -1.24 12.47
CA ALA B 76 25.33 -1.11 13.93
C ALA B 76 23.97 -0.59 14.40
N THR B 77 23.31 0.26 13.62
CA THR B 77 21.93 0.62 13.93
C THR B 77 20.96 -0.51 13.57
N PHE B 78 21.22 -1.24 12.47
CA PHE B 78 20.30 -2.27 12.00
C PHE B 78 19.90 -3.21 13.14
N ASN B 79 20.89 -3.92 13.71
CA ASN B 79 20.56 -4.91 14.74
C ASN B 79 20.15 -4.28 16.07
N LYS B 80 20.59 -3.06 16.37
CA LYS B 80 20.25 -2.46 17.66
C LYS B 80 18.76 -2.12 17.76
N LEU B 81 18.13 -1.70 16.64
CA LEU B 81 16.73 -1.28 16.67
C LEU B 81 15.94 -2.02 15.59
N VAL B 82 14.79 -2.57 15.98
CA VAL B 82 13.92 -3.22 15.00
C VAL B 82 13.11 -2.19 14.20
N SER B 83 12.90 -1.00 14.76
CA SER B 83 12.40 0.14 13.98
C SER B 83 13.14 0.23 12.66
N TYR B 84 14.49 0.31 12.76
CA TYR B 84 15.34 0.33 11.57
C TYR B 84 15.08 -0.87 10.67
N ARG B 85 14.80 -2.04 11.26
CA ARG B 85 14.70 -3.25 10.46
C ARG B 85 13.41 -3.29 9.66
N LYS B 86 12.28 -2.93 10.27
CA LYS B 86 11.02 -2.84 9.53
C LYS B 86 11.11 -1.74 8.48
N ALA B 87 11.56 -0.55 8.89
CA ALA B 87 11.79 0.54 7.93
C ALA B 87 12.55 0.03 6.71
N MET B 88 13.57 -0.82 6.93
CA MET B 88 14.33 -1.37 5.82
C MET B 88 13.48 -2.28 4.95
N TYR B 89 12.61 -3.10 5.57
CA TYR B 89 11.78 -4.01 4.78
C TYR B 89 10.84 -3.24 3.86
N HIS B 90 10.11 -2.26 4.40
CA HIS B 90 9.16 -1.51 3.59
C HIS B 90 9.87 -0.80 2.45
N ALA B 91 11.03 -0.19 2.75
CA ALA B 91 11.82 0.49 1.73
C ALA B 91 12.23 -0.46 0.61
N LEU B 92 12.84 -1.59 0.97
CA LEU B 92 13.27 -2.52 -0.07
C LEU B 92 12.08 -3.17 -0.77
N GLU B 93 10.94 -3.30 -0.07
CA GLU B 93 9.73 -3.82 -0.71
C GLU B 93 9.29 -2.93 -1.87
N LYS B 94 9.19 -1.62 -1.63
CA LYS B 94 8.84 -0.70 -2.72
C LYS B 94 9.92 -0.70 -3.80
N ALA B 95 11.18 -0.90 -3.39
CA ALA B 95 12.24 -1.08 -4.36
C ALA B 95 12.00 -2.32 -5.21
N ARG B 96 11.79 -3.46 -4.54
CA ARG B 96 11.56 -4.72 -5.26
C ARG B 96 10.42 -4.59 -6.27
N VAL B 97 9.29 -4.00 -5.84
CA VAL B 97 8.11 -3.96 -6.70
C VAL B 97 8.37 -3.11 -7.94
N ARG B 98 9.07 -1.98 -7.78
CA ARG B 98 9.30 -1.11 -8.93
C ARG B 98 10.16 -1.80 -10.00
N ALA B 99 10.98 -2.78 -9.61
CA ALA B 99 11.78 -3.49 -10.59
C ALA B 99 11.00 -4.65 -11.22
N GLY B 100 10.53 -5.55 -10.39
CA GLY B 100 10.08 -6.87 -10.84
C GLY B 100 10.82 -7.99 -10.15
N LYS B 101 11.67 -7.68 -9.19
CA LYS B 101 12.42 -8.72 -8.50
C LYS B 101 11.48 -9.60 -7.68
N THR B 102 11.88 -10.86 -7.53
CA THR B 102 11.10 -11.88 -6.85
C THR B 102 11.98 -12.56 -5.81
N PHE B 103 11.39 -12.84 -4.65
CA PHE B 103 12.08 -13.55 -3.58
C PHE B 103 11.01 -14.35 -2.83
N PRO B 104 10.87 -15.65 -3.13
CA PRO B 104 9.88 -16.60 -2.56
C PRO B 104 9.59 -16.39 -1.06
N LEU B 111 10.44 -12.11 10.32
CA LEU B 111 10.72 -10.93 9.50
C LEU B 111 12.09 -11.02 8.84
N GLU B 112 13.07 -11.51 9.60
CA GLU B 112 14.42 -11.66 9.08
C GLU B 112 14.46 -12.72 7.98
N ASP B 113 13.59 -13.75 8.09
CA ASP B 113 13.43 -14.71 7.01
C ASP B 113 13.27 -14.00 5.66
N GLN B 114 12.47 -12.95 5.65
CA GLN B 114 12.12 -12.26 4.41
C GLN B 114 13.15 -11.23 4.00
N LEU B 115 13.81 -10.60 4.97
CA LEU B 115 14.65 -9.42 4.69
C LEU B 115 15.91 -9.79 3.90
N LYS B 116 16.76 -10.67 4.43
CA LYS B 116 18.09 -10.79 3.87
C LYS B 116 18.19 -11.40 2.46
N PRO B 117 17.17 -12.05 1.90
CA PRO B 117 17.20 -12.29 0.44
C PRO B 117 17.16 -11.00 -0.37
N MET B 118 16.59 -9.94 0.16
CA MET B 118 16.54 -8.65 -0.52
C MET B 118 17.56 -7.66 0.03
N LEU B 119 17.88 -7.77 1.33
CA LEU B 119 19.00 -7.06 1.91
C LEU B 119 20.30 -7.46 1.24
N GLU B 120 20.49 -8.76 0.99
CA GLU B 120 21.61 -9.18 0.16
C GLU B 120 21.45 -8.63 -1.26
N TRP B 121 20.23 -8.67 -1.80
CA TRP B 121 19.99 -8.18 -3.14
C TRP B 121 20.28 -6.70 -3.29
N ALA B 122 20.24 -5.95 -2.18
CA ALA B 122 20.46 -4.51 -2.20
C ALA B 122 21.93 -4.15 -2.02
N HIS B 123 22.68 -4.94 -1.27
CA HIS B 123 24.11 -4.79 -1.14
C HIS B 123 24.88 -5.15 -2.42
N GLY B 124 24.20 -5.58 -3.48
CA GLY B 124 24.88 -6.11 -4.65
C GLY B 124 24.44 -5.52 -5.97
N GLY B 125 24.12 -4.23 -5.96
CA GLY B 125 23.87 -3.51 -7.20
C GLY B 125 22.50 -3.69 -7.81
N PHE B 126 21.56 -4.30 -7.07
CA PHE B 126 20.17 -4.45 -7.51
C PHE B 126 20.12 -5.14 -8.88
N LYS B 127 20.69 -6.35 -8.94
CA LYS B 127 20.70 -6.94 -10.26
C LYS B 127 19.43 -7.77 -10.49
N PRO B 128 18.96 -7.89 -11.74
CA PRO B 128 19.49 -7.40 -13.01
C PRO B 128 18.98 -6.03 -13.42
N THR B 129 18.83 -5.12 -12.46
CA THR B 129 18.28 -3.79 -12.73
C THR B 129 19.32 -2.70 -12.63
N GLY B 130 20.20 -2.77 -11.63
CA GLY B 130 20.95 -1.61 -11.23
C GLY B 130 20.05 -0.71 -10.40
N ILE B 131 20.48 0.54 -10.23
CA ILE B 131 19.66 1.52 -9.55
C ILE B 131 18.58 2.01 -10.49
N GLU B 132 18.60 1.50 -11.72
CA GLU B 132 17.66 1.93 -12.76
C GLU B 132 16.22 1.53 -12.44
N GLY B 133 16.03 0.34 -11.88
CA GLY B 133 14.70 -0.17 -11.63
C GLY B 133 14.09 0.27 -10.31
N LEU B 134 14.63 1.33 -9.72
CA LEU B 134 14.10 1.89 -8.48
C LEU B 134 13.33 3.19 -8.69
N LYS B 135 13.36 3.74 -9.91
CA LYS B 135 12.70 5.01 -10.18
C LYS B 135 11.19 4.86 -10.07
N PRO B 136 10.48 5.95 -9.80
CA PRO B 136 9.03 5.89 -9.84
C PRO B 136 8.54 5.84 -11.27
N ASN B 137 7.36 5.24 -11.46
CA ASN B 137 6.79 4.95 -12.78
C ASN B 137 7.70 4.03 -13.61
#